data_3TRD
#
_entry.id   3TRD
#
_cell.length_a   49.861
_cell.length_b   55.905
_cell.length_c   62.513
_cell.angle_alpha   90.000
_cell.angle_beta   90.000
_cell.angle_gamma   90.000
#
_symmetry.space_group_name_H-M   'P 21 21 21'
#
loop_
_entity.id
_entity.type
_entity.pdbx_description
1 polymer 'Alpha/beta hydrolase'
2 non-polymer 'ACETATE ION'
3 non-polymer 'SODIUM ION'
4 non-polymer 'PHOSPHATE ION'
5 water water
#
_entity_poly.entity_id   1
_entity_poly.type   'polypeptide(L)'
_entity_poly.pdbx_seq_one_letter_code
;SYVMTNEDFLIQGPVGQLEVMITRPKGIEKSVTGIICHPHPLHGGTMNNKVVTTLAKALDELGLKTVRFNFRGVGKSQGR
YDNGVGEVEDLKAVLRWVEHHWSQDDIWLAGFSFGAYISAKVAYDQKVAQLISVAPPVFYEGFASLTQMASPWLIVQGDQ
DEVVPFEQVKAFVNQISSPVEFVVMSGASHFFHGRLIELRELLVRNLA
;
_entity_poly.pdbx_strand_id   A
#
# COMPACT_ATOMS: atom_id res chain seq x y z
N SER A 1 1.01 -13.27 -18.31
CA SER A 1 1.27 -14.34 -17.37
CA SER A 1 1.27 -14.35 -17.37
C SER A 1 -0.03 -14.89 -16.80
N TYR A 2 -0.19 -16.21 -16.86
CA TYR A 2 -1.43 -16.84 -16.46
C TYR A 2 -1.60 -16.80 -14.95
N VAL A 3 -2.42 -15.87 -14.51
CA VAL A 3 -2.72 -15.69 -13.10
C VAL A 3 -4.20 -15.36 -13.06
N MET A 4 -4.97 -16.12 -12.29
CA MET A 4 -6.41 -15.86 -12.25
C MET A 4 -6.68 -14.49 -11.64
N THR A 5 -7.60 -13.76 -12.26
CA THR A 5 -7.90 -12.40 -11.86
C THR A 5 -9.12 -12.36 -10.95
N ASN A 6 -9.11 -11.43 -10.00
CA ASN A 6 -10.22 -11.21 -9.09
C ASN A 6 -10.59 -12.42 -8.25
N GLU A 7 -9.59 -13.22 -7.92
CA GLU A 7 -9.83 -14.36 -7.04
C GLU A 7 -8.61 -14.56 -6.17
N ASP A 8 -8.86 -15.05 -4.96
CA ASP A 8 -7.77 -15.31 -4.03
C ASP A 8 -6.99 -16.51 -4.51
N PHE A 9 -5.67 -16.42 -4.39
CA PHE A 9 -4.79 -17.54 -4.66
C PHE A 9 -3.59 -17.44 -3.75
N LEU A 10 -2.70 -18.41 -3.82
CA LEU A 10 -1.59 -18.44 -2.89
C LEU A 10 -0.28 -18.41 -3.64
N ILE A 11 0.69 -17.70 -3.08
CA ILE A 11 2.05 -17.73 -3.59
C ILE A 11 2.97 -18.09 -2.43
N GLN A 12 4.21 -18.39 -2.76
CA GLN A 12 5.20 -18.71 -1.75
C GLN A 12 5.75 -17.45 -1.11
N GLY A 13 5.59 -17.35 0.22
CA GLY A 13 6.19 -16.28 0.98
C GLY A 13 7.39 -16.76 1.78
N PRO A 14 8.06 -15.85 2.48
CA PRO A 14 9.25 -16.18 3.29
C PRO A 14 9.01 -17.25 4.34
N VAL A 15 7.85 -17.23 4.98
CA VAL A 15 7.59 -18.18 6.07
C VAL A 15 6.38 -19.07 5.82
N GLY A 16 5.85 -19.04 4.61
CA GLY A 16 4.63 -19.78 4.31
C GLY A 16 3.93 -19.13 3.14
N GLN A 17 2.78 -19.68 2.80
CA GLN A 17 2.04 -19.18 1.65
C GLN A 17 1.50 -17.80 1.99
N LEU A 18 1.42 -16.95 0.97
CA LEU A 18 0.76 -15.66 1.12
C LEU A 18 -0.46 -15.65 0.23
N GLU A 19 -1.57 -15.18 0.78
CA GLU A 19 -2.80 -15.06 0.02
C GLU A 19 -2.76 -13.75 -0.77
N VAL A 20 -3.05 -13.85 -2.06
CA VAL A 20 -2.93 -12.74 -2.97
C VAL A 20 -4.16 -12.66 -3.85
N MET A 21 -4.49 -11.46 -4.30
CA MET A 21 -5.49 -11.32 -5.34
C MET A 21 -5.04 -10.22 -6.28
N ILE A 22 -5.27 -10.41 -7.58
CA ILE A 22 -4.89 -9.38 -8.52
C ILE A 22 -6.08 -8.88 -9.29
N THR A 23 -5.92 -7.71 -9.88
CA THR A 23 -6.89 -7.20 -10.83
C THR A 23 -6.16 -6.77 -12.07
N ARG A 24 -6.90 -6.75 -13.18
CA ARG A 24 -6.40 -6.26 -14.45
C ARG A 24 -7.33 -5.16 -14.93
N PRO A 25 -6.76 -4.09 -15.51
CA PRO A 25 -7.57 -2.91 -15.81
C PRO A 25 -8.52 -3.12 -17.01
N LYS A 26 -9.54 -2.29 -17.09
CA LYS A 26 -10.63 -2.45 -18.06
C LYS A 26 -10.38 -1.72 -19.38
N GLY A 27 -9.30 -0.95 -19.47
CA GLY A 27 -8.95 -0.27 -20.70
C GLY A 27 -7.53 -0.61 -21.11
N ILE A 28 -6.79 0.40 -21.55
CA ILE A 28 -5.37 0.21 -21.82
C ILE A 28 -4.69 -0.19 -20.53
N GLU A 29 -3.99 -1.32 -20.56
CA GLU A 29 -3.23 -1.79 -19.41
C GLU A 29 -1.82 -1.23 -19.47
N LYS A 30 -1.49 -0.34 -18.54
CA LYS A 30 -0.16 0.26 -18.49
C LYS A 30 0.88 -0.75 -18.00
N SER A 31 2.13 -0.51 -18.34
CA SER A 31 3.21 -1.40 -17.89
C SER A 31 3.67 -0.97 -16.52
N VAL A 32 2.72 -0.92 -15.60
CA VAL A 32 2.95 -0.55 -14.22
C VAL A 32 2.02 -1.41 -13.38
N THR A 33 2.54 -2.01 -12.31
CA THR A 33 1.72 -2.79 -11.41
C THR A 33 1.82 -2.20 -10.01
N GLY A 34 0.69 -2.10 -9.33
CA GLY A 34 0.68 -1.57 -7.97
C GLY A 34 0.44 -2.67 -6.96
N ILE A 35 1.23 -2.67 -5.89
CA ILE A 35 1.05 -3.64 -4.82
C ILE A 35 0.57 -2.85 -3.61
N ILE A 36 -0.50 -3.32 -2.98
CA ILE A 36 -1.16 -2.57 -1.92
C ILE A 36 -1.18 -3.37 -0.64
N CYS A 37 -0.64 -2.78 0.43
CA CYS A 37 -0.54 -3.45 1.72
C CYS A 37 -1.64 -3.01 2.66
N HIS A 38 -2.09 -3.94 3.49
CA HIS A 38 -3.23 -3.71 4.35
C HIS A 38 -2.87 -3.18 5.73
N PRO A 39 -3.89 -2.71 6.46
CA PRO A 39 -3.62 -2.14 7.79
C PRO A 39 -3.35 -3.22 8.82
N HIS A 40 -3.16 -2.79 10.06
CA HIS A 40 -2.51 -3.63 11.06
C HIS A 40 -3.10 -5.02 11.18
N PRO A 41 -2.27 -6.04 10.97
CA PRO A 41 -2.74 -7.42 11.11
C PRO A 41 -3.25 -7.72 12.51
N LEU A 42 -2.74 -7.03 13.52
CA LEU A 42 -3.17 -7.31 14.90
C LEU A 42 -4.49 -6.63 15.24
N HIS A 43 -4.97 -5.77 14.33
CA HIS A 43 -6.22 -5.08 14.54
C HIS A 43 -7.22 -5.37 13.43
N GLY A 44 -7.16 -6.58 12.90
CA GLY A 44 -8.14 -7.04 11.94
C GLY A 44 -7.90 -6.59 10.52
N GLY A 45 -6.76 -5.97 10.27
CA GLY A 45 -6.45 -5.53 8.91
C GLY A 45 -6.24 -6.73 8.00
N THR A 46 -6.86 -6.68 6.83
CA THR A 46 -6.68 -7.70 5.79
C THR A 46 -6.72 -7.06 4.41
N MET A 47 -6.39 -7.87 3.41
CA MET A 47 -6.37 -7.42 2.02
C MET A 47 -7.75 -7.01 1.54
N ASN A 48 -8.79 -7.38 2.29
CA ASN A 48 -10.15 -7.04 1.91
C ASN A 48 -10.65 -5.75 2.57
N ASN A 49 -9.80 -5.14 3.38
CA ASN A 49 -10.13 -3.84 3.96
C ASN A 49 -10.60 -2.85 2.90
N LYS A 50 -11.61 -2.05 3.23
CA LYS A 50 -12.22 -1.19 2.22
C LYS A 50 -11.36 -0.05 1.74
N VAL A 51 -10.44 0.43 2.58
CA VAL A 51 -9.49 1.43 2.10
C VAL A 51 -8.49 0.78 1.15
N VAL A 52 -8.07 -0.45 1.47
CA VAL A 52 -7.23 -1.21 0.54
C VAL A 52 -7.96 -1.41 -0.79
N THR A 53 -9.24 -1.78 -0.73
CA THR A 53 -10.04 -1.94 -1.94
C THR A 53 -10.11 -0.64 -2.72
N THR A 54 -10.24 0.47 -2.00
CA THR A 54 -10.32 1.76 -2.65
C THR A 54 -9.01 2.12 -3.35
N LEU A 55 -7.89 1.81 -2.71
CA LEU A 55 -6.62 2.02 -3.35
C LEU A 55 -6.53 1.18 -4.63
N ALA A 56 -6.99 -0.06 -4.56
CA ALA A 56 -6.97 -0.92 -5.73
C ALA A 56 -7.85 -0.35 -6.84
N LYS A 57 -9.02 0.16 -6.47
CA LYS A 57 -9.92 0.75 -7.46
C LYS A 57 -9.30 1.95 -8.13
N ALA A 58 -8.63 2.79 -7.33
CA ALA A 58 -7.98 3.96 -7.88
C ALA A 58 -6.90 3.55 -8.87
N LEU A 59 -6.07 2.60 -8.49
CA LEU A 59 -4.98 2.18 -9.36
C LEU A 59 -5.52 1.51 -10.62
N ASP A 60 -6.55 0.69 -10.46
CA ASP A 60 -7.22 0.07 -11.60
C ASP A 60 -7.73 1.13 -12.56
N GLU A 61 -8.35 2.17 -12.01
CA GLU A 61 -8.91 3.23 -12.84
C GLU A 61 -7.81 3.90 -13.65
N LEU A 62 -6.61 3.94 -13.08
CA LEU A 62 -5.46 4.54 -13.71
C LEU A 62 -4.79 3.61 -14.73
N GLY A 63 -5.30 2.40 -14.87
CA GLY A 63 -4.81 1.48 -15.87
C GLY A 63 -3.74 0.52 -15.37
N LEU A 64 -3.61 0.41 -14.06
CA LEU A 64 -2.63 -0.50 -13.49
C LEU A 64 -3.27 -1.79 -13.07
N LYS A 65 -2.57 -2.90 -13.30
CA LYS A 65 -2.85 -4.12 -12.55
C LYS A 65 -2.60 -3.84 -11.08
N THR A 66 -3.40 -4.47 -10.22
CA THR A 66 -3.15 -4.34 -8.80
C THR A 66 -2.95 -5.69 -8.16
N VAL A 67 -2.20 -5.68 -7.07
CA VAL A 67 -1.90 -6.88 -6.33
C VAL A 67 -2.15 -6.54 -4.89
N ARG A 68 -3.09 -7.25 -4.27
CA ARG A 68 -3.31 -7.14 -2.85
C ARG A 68 -2.95 -8.47 -2.22
N PHE A 69 -2.53 -8.44 -0.96
CA PHE A 69 -2.17 -9.69 -0.31
C PHE A 69 -2.31 -9.55 1.20
N ASN A 70 -2.44 -10.68 1.86
CA ASN A 70 -2.50 -10.73 3.30
C ASN A 70 -1.11 -10.95 3.86
N PHE A 71 -0.73 -10.15 4.83
CA PHE A 71 0.52 -10.39 5.55
C PHE A 71 0.48 -11.74 6.24
N ARG A 72 1.65 -12.27 6.57
CA ARG A 72 1.73 -13.56 7.23
C ARG A 72 0.76 -13.67 8.39
N GLY A 73 0.05 -14.79 8.46
CA GLY A 73 -0.87 -15.04 9.55
C GLY A 73 -2.29 -14.56 9.29
N VAL A 74 -2.45 -13.66 8.32
CA VAL A 74 -3.75 -13.10 8.05
C VAL A 74 -4.48 -13.88 6.97
N GLY A 75 -5.75 -14.22 7.21
CA GLY A 75 -6.50 -14.95 6.22
C GLY A 75 -5.86 -16.29 5.94
N LYS A 76 -5.66 -16.61 4.67
CA LYS A 76 -5.04 -17.88 4.32
C LYS A 76 -3.51 -17.79 4.30
N SER A 77 -2.96 -16.62 4.60
CA SER A 77 -1.51 -16.47 4.65
C SER A 77 -1.00 -17.19 5.87
N GLN A 78 0.00 -18.05 5.70
CA GLN A 78 0.51 -18.81 6.81
C GLN A 78 1.46 -17.98 7.66
N GLY A 79 1.86 -18.54 8.79
CA GLY A 79 2.81 -17.88 9.66
C GLY A 79 2.17 -17.00 10.71
N ARG A 80 2.99 -16.23 11.40
CA ARG A 80 2.49 -15.38 12.45
C ARG A 80 3.15 -14.03 12.43
N TYR A 81 2.47 -13.07 13.04
CA TYR A 81 2.94 -11.71 13.11
C TYR A 81 4.41 -11.64 13.49
N ASP A 82 5.16 -10.82 12.76
CA ASP A 82 6.60 -10.77 12.95
C ASP A 82 7.12 -9.35 13.13
N ASN A 83 6.40 -8.55 13.89
CA ASN A 83 6.96 -7.33 14.45
C ASN A 83 7.23 -6.25 13.42
N GLY A 84 6.61 -6.39 12.25
CA GLY A 84 6.81 -5.45 11.16
C GLY A 84 8.08 -5.75 10.39
N VAL A 85 8.81 -6.75 10.83
CA VAL A 85 10.06 -7.15 10.18
C VAL A 85 9.79 -8.17 9.09
N GLY A 86 9.23 -9.30 9.48
CA GLY A 86 8.83 -10.29 8.49
C GLY A 86 7.80 -9.76 7.52
N GLU A 87 6.98 -8.83 7.97
CA GLU A 87 5.98 -8.27 7.07
C GLU A 87 6.62 -7.52 5.91
N VAL A 88 7.75 -6.88 6.18
CA VAL A 88 8.51 -6.26 5.11
C VAL A 88 9.00 -7.33 4.13
N GLU A 89 9.46 -8.47 4.67
CA GLU A 89 9.90 -9.56 3.81
C GLU A 89 8.75 -10.15 3.00
N ASP A 90 7.55 -10.14 3.57
CA ASP A 90 6.38 -10.61 2.83
C ASP A 90 6.14 -9.73 1.63
N LEU A 91 6.13 -8.41 1.84
CA LEU A 91 5.95 -7.51 0.71
C LEU A 91 7.08 -7.70 -0.30
N LYS A 92 8.30 -7.84 0.19
CA LYS A 92 9.41 -8.05 -0.74
C LYS A 92 9.21 -9.31 -1.58
N ALA A 93 8.61 -10.34 -0.99
CA ALA A 93 8.32 -11.56 -1.73
C ALA A 93 7.24 -11.33 -2.79
N VAL A 94 6.21 -10.59 -2.43
CA VAL A 94 5.16 -10.28 -3.38
C VAL A 94 5.74 -9.43 -4.50
N LEU A 95 6.62 -8.50 -4.14
CA LEU A 95 7.26 -7.66 -5.14
C LEU A 95 8.09 -8.51 -6.11
N ARG A 96 8.88 -9.44 -5.59
CA ARG A 96 9.65 -10.31 -6.48
C ARG A 96 8.75 -11.14 -7.37
N TRP A 97 7.61 -11.57 -6.82
CA TRP A 97 6.66 -12.37 -7.58
C TRP A 97 6.08 -11.54 -8.74
N VAL A 98 5.72 -10.30 -8.45
CA VAL A 98 5.30 -9.38 -9.50
C VAL A 98 6.37 -9.15 -10.56
N GLU A 99 7.61 -8.94 -10.12
CA GLU A 99 8.74 -8.73 -11.03
C GLU A 99 9.00 -9.96 -11.89
N HIS A 100 8.69 -11.13 -11.33
CA HIS A 100 8.86 -12.38 -12.05
C HIS A 100 7.81 -12.51 -13.13
N HIS A 101 6.56 -12.19 -12.78
CA HIS A 101 5.43 -12.36 -13.69
C HIS A 101 5.31 -11.25 -14.71
N TRP A 102 5.68 -10.03 -14.32
CA TRP A 102 5.61 -8.89 -15.22
C TRP A 102 6.90 -8.08 -15.16
N SER A 103 7.97 -8.66 -15.71
CA SER A 103 9.31 -8.11 -15.56
C SER A 103 9.44 -6.74 -16.22
N GLN A 104 8.55 -6.44 -17.14
CA GLN A 104 8.57 -5.18 -17.87
C GLN A 104 7.89 -4.05 -17.11
N ASP A 105 7.14 -4.39 -16.07
CA ASP A 105 6.33 -3.40 -15.37
C ASP A 105 7.13 -2.55 -14.41
N ASP A 106 6.83 -1.26 -14.38
CA ASP A 106 7.24 -0.43 -13.27
C ASP A 106 6.37 -0.78 -12.07
N ILE A 107 6.78 -0.34 -10.90
CA ILE A 107 6.12 -0.75 -9.66
C ILE A 107 5.61 0.47 -8.93
N TRP A 108 4.37 0.36 -8.46
CA TRP A 108 3.86 1.29 -7.46
C TRP A 108 3.63 0.51 -6.18
N LEU A 109 3.98 1.11 -5.05
CA LEU A 109 3.72 0.48 -3.75
C LEU A 109 2.79 1.37 -2.98
N ALA A 110 1.80 0.75 -2.33
CA ALA A 110 0.81 1.53 -1.62
C ALA A 110 0.45 0.80 -0.34
N GLY A 111 -0.09 1.54 0.61
CA GLY A 111 -0.54 0.90 1.82
C GLY A 111 -1.38 1.84 2.64
N PHE A 112 -2.15 1.25 3.54
CA PHE A 112 -3.00 1.94 4.47
C PHE A 112 -2.49 1.61 5.85
N SER A 113 -2.23 2.65 6.63
CA SER A 113 -1.71 2.53 7.98
C SER A 113 -0.53 1.57 8.13
N PHE A 114 -0.64 0.47 8.88
CA PHE A 114 0.50 -0.46 9.01
C PHE A 114 1.10 -0.78 7.65
N GLY A 115 0.24 -1.01 6.66
CA GLY A 115 0.68 -1.30 5.32
C GLY A 115 1.38 -0.13 4.66
N ALA A 116 1.07 1.08 5.09
CA ALA A 116 1.77 2.24 4.57
C ALA A 116 3.21 2.22 5.08
N TYR A 117 3.38 1.82 6.33
CA TYR A 117 4.72 1.69 6.86
C TYR A 117 5.51 0.61 6.11
N ILE A 118 4.90 -0.55 5.93
CA ILE A 118 5.60 -1.65 5.29
C ILE A 118 5.98 -1.28 3.88
N SER A 119 5.05 -0.72 3.13
CA SER A 119 5.35 -0.32 1.77
C SER A 119 6.38 0.80 1.71
N ALA A 120 6.34 1.74 2.67
CA ALA A 120 7.35 2.80 2.68
C ALA A 120 8.73 2.20 2.93
N LYS A 121 8.80 1.21 3.81
CA LYS A 121 10.08 0.57 4.10
C LYS A 121 10.67 -0.06 2.85
N VAL A 122 9.84 -0.76 2.09
CA VAL A 122 10.34 -1.41 0.89
C VAL A 122 10.72 -0.38 -0.17
N ALA A 123 9.92 0.67 -0.30
CA ALA A 123 10.19 1.71 -1.28
C ALA A 123 11.45 2.48 -0.94
N TYR A 124 11.86 2.43 0.32
CA TYR A 124 13.07 3.11 0.77
C TYR A 124 14.28 2.29 0.35
N ASP A 125 14.08 0.98 0.26
CA ASP A 125 15.14 0.02 -0.07
C ASP A 125 15.29 -0.19 -1.56
N GLN A 126 14.19 -0.03 -2.28
CA GLN A 126 14.18 -0.23 -3.72
C GLN A 126 13.36 0.88 -4.31
N LYS A 127 14.00 1.72 -5.13
CA LYS A 127 13.29 2.84 -5.71
C LYS A 127 12.20 2.29 -6.61
N VAL A 128 10.98 2.78 -6.42
CA VAL A 128 9.88 2.40 -7.28
C VAL A 128 9.32 3.65 -7.92
N ALA A 129 8.40 3.49 -8.86
CA ALA A 129 7.91 4.64 -9.61
C ALA A 129 7.02 5.53 -8.76
N GLN A 130 6.37 4.96 -7.75
CA GLN A 130 5.45 5.71 -6.92
C GLN A 130 5.15 4.97 -5.64
N LEU A 131 5.19 5.70 -4.54
CA LEU A 131 4.77 5.18 -3.25
C LEU A 131 3.53 5.96 -2.85
N ILE A 132 2.57 5.26 -2.26
CA ILE A 132 1.34 5.89 -1.82
C ILE A 132 1.06 5.43 -0.41
N SER A 133 0.87 6.38 0.49
CA SER A 133 0.51 6.06 1.86
C SER A 133 -0.85 6.66 2.16
N VAL A 134 -1.74 5.88 2.73
CA VAL A 134 -2.94 6.42 3.34
C VAL A 134 -2.79 6.29 4.84
N ALA A 135 -2.89 7.43 5.53
CA ALA A 135 -2.78 7.48 6.99
C ALA A 135 -1.55 6.74 7.50
N PRO A 136 -0.36 7.15 7.02
CA PRO A 136 0.87 6.47 7.46
C PRO A 136 1.07 6.67 8.95
N PRO A 137 1.24 5.58 9.70
CA PRO A 137 1.34 5.73 11.17
C PRO A 137 2.74 6.18 11.56
N VAL A 138 2.98 7.48 11.41
CA VAL A 138 4.32 8.04 11.45
C VAL A 138 4.96 7.96 12.83
N PHE A 139 4.16 7.59 13.81
CA PHE A 139 4.68 7.42 15.17
C PHE A 139 5.43 6.09 15.30
N TYR A 140 5.26 5.19 14.35
CA TYR A 140 6.08 3.97 14.37
C TYR A 140 7.53 4.39 14.43
N GLU A 141 8.30 3.72 15.27
CA GLU A 141 9.70 4.08 15.38
C GLU A 141 10.43 3.92 14.06
N GLY A 142 10.01 2.94 13.27
CA GLY A 142 10.63 2.68 11.98
C GLY A 142 10.43 3.78 10.94
N PHE A 143 9.48 4.67 11.18
CA PHE A 143 9.27 5.78 10.26
C PHE A 143 10.33 6.86 10.39
N ALA A 144 10.92 6.97 11.58
CA ALA A 144 11.84 8.07 11.85
C ALA A 144 12.98 8.16 10.85
N SER A 145 13.42 7.02 10.33
CA SER A 145 14.62 6.99 9.50
C SER A 145 14.31 7.15 8.02
N LEU A 146 13.04 7.24 7.67
CA LEU A 146 12.64 7.31 6.27
C LEU A 146 12.62 8.78 5.85
N THR A 147 13.80 9.40 5.85
CA THR A 147 13.93 10.85 5.63
C THR A 147 14.38 11.25 4.23
N GLN A 148 14.92 10.30 3.47
CA GLN A 148 15.38 10.57 2.12
C GLN A 148 14.79 9.53 1.20
N MET A 149 13.47 9.55 1.07
CA MET A 149 12.76 8.60 0.21
C MET A 149 13.08 8.90 -1.25
N ALA A 150 13.56 7.90 -1.97
CA ALA A 150 13.89 8.11 -3.37
C ALA A 150 12.65 7.99 -4.25
N SER A 151 11.72 7.14 -3.84
CA SER A 151 10.48 6.95 -4.59
C SER A 151 9.58 8.16 -4.38
N PRO A 152 8.97 8.67 -5.46
CA PRO A 152 7.97 9.74 -5.31
C PRO A 152 6.93 9.27 -4.31
N TRP A 153 6.45 10.16 -3.45
CA TRP A 153 5.65 9.75 -2.32
C TRP A 153 4.41 10.62 -2.18
N LEU A 154 3.25 9.99 -2.32
CA LEU A 154 1.96 10.64 -2.09
C LEU A 154 1.43 10.15 -0.75
N ILE A 155 1.08 11.08 0.13
CA ILE A 155 0.48 10.73 1.40
C ILE A 155 -0.90 11.35 1.45
N VAL A 156 -1.90 10.51 1.68
CA VAL A 156 -3.26 10.96 1.84
C VAL A 156 -3.66 10.76 3.29
N GLN A 157 -4.24 11.79 3.87
CA GLN A 157 -4.44 11.85 5.31
C GLN A 157 -5.75 12.56 5.61
N GLY A 158 -6.57 11.97 6.47
CA GLY A 158 -7.75 12.66 6.97
C GLY A 158 -7.36 13.63 8.06
N ASP A 159 -7.97 14.83 8.08
CA ASP A 159 -7.61 15.76 9.15
C ASP A 159 -8.44 15.60 10.42
N GLN A 160 -9.27 14.56 10.46
CA GLN A 160 -9.98 14.23 11.69
C GLN A 160 -9.71 12.77 12.04
N ASP A 161 -8.52 12.33 11.69
CA ASP A 161 -8.04 11.00 12.00
C ASP A 161 -7.53 11.01 13.43
N GLU A 162 -8.14 10.19 14.29
CA GLU A 162 -7.74 10.16 15.70
C GLU A 162 -6.75 9.05 15.98
N VAL A 163 -6.62 8.13 15.05
CA VAL A 163 -5.67 7.03 15.15
C VAL A 163 -4.28 7.47 14.73
N VAL A 164 -4.22 8.14 13.58
CA VAL A 164 -2.97 8.72 13.10
C VAL A 164 -3.24 10.21 12.95
N PRO A 165 -2.88 11.00 13.97
CA PRO A 165 -3.24 12.41 13.98
C PRO A 165 -2.56 13.24 12.89
N PHE A 166 -3.37 14.08 12.23
CA PHE A 166 -2.89 14.97 11.19
C PHE A 166 -1.59 15.72 11.56
N GLU A 167 -1.55 16.32 12.74
CA GLU A 167 -0.40 17.13 13.12
C GLU A 167 0.87 16.29 13.13
N GLN A 168 0.75 15.02 13.50
CA GLN A 168 1.92 14.16 13.51
C GLN A 168 2.38 13.86 12.10
N VAL A 169 1.44 13.58 11.21
CA VAL A 169 1.80 13.30 9.84
C VAL A 169 2.39 14.55 9.20
N LYS A 170 1.78 15.70 9.48
CA LYS A 170 2.28 16.97 8.95
C LYS A 170 3.72 17.21 9.41
N ALA A 171 3.97 16.96 10.69
CA ALA A 171 5.31 17.16 11.25
C ALA A 171 6.31 16.23 10.58
N PHE A 172 5.89 15.00 10.33
CA PHE A 172 6.76 14.03 9.68
C PHE A 172 7.11 14.52 8.29
N VAL A 173 6.08 14.95 7.55
CA VAL A 173 6.27 15.46 6.20
C VAL A 173 7.21 16.66 6.22
N ASN A 174 7.08 17.50 7.24
CA ASN A 174 7.95 18.64 7.38
C ASN A 174 9.40 18.25 7.67
N GLN A 175 9.57 17.24 8.52
CA GLN A 175 10.91 16.92 9.03
C GLN A 175 11.75 16.17 8.02
N ILE A 176 11.13 15.29 7.25
CA ILE A 176 11.91 14.52 6.26
C ILE A 176 12.43 15.44 5.17
N SER A 177 13.50 15.03 4.52
CA SER A 177 14.17 15.87 3.54
C SER A 177 13.51 15.77 2.17
N SER A 178 13.08 14.58 1.81
CA SER A 178 12.53 14.33 0.49
C SER A 178 11.12 14.89 0.38
N PRO A 179 10.74 15.31 -0.84
CA PRO A 179 9.46 15.96 -1.10
C PRO A 179 8.32 14.97 -1.03
N VAL A 180 7.23 15.37 -0.41
CA VAL A 180 6.05 14.53 -0.33
C VAL A 180 4.87 15.32 -0.87
N GLU A 181 4.06 14.67 -1.70
CA GLU A 181 2.78 15.25 -2.06
C GLU A 181 1.82 14.89 -0.95
N PHE A 182 1.46 15.87 -0.14
CA PHE A 182 0.67 15.66 1.07
C PHE A 182 -0.73 16.15 0.82
N VAL A 183 -1.67 15.22 0.70
CA VAL A 183 -3.05 15.54 0.36
C VAL A 183 -3.96 15.22 1.53
N VAL A 184 -4.77 16.19 1.92
CA VAL A 184 -5.53 16.08 3.15
C VAL A 184 -7.02 16.10 2.85
N MET A 185 -7.74 15.12 3.40
CA MET A 185 -9.20 15.12 3.27
C MET A 185 -9.80 15.70 4.52
N SER A 186 -10.49 16.83 4.36
CA SER A 186 -11.08 17.51 5.50
C SER A 186 -12.27 16.73 6.05
N GLY A 187 -12.26 16.50 7.35
CA GLY A 187 -13.36 15.86 8.03
C GLY A 187 -13.34 14.34 7.93
N ALA A 188 -12.25 13.80 7.38
CA ALA A 188 -12.12 12.36 7.25
C ALA A 188 -11.43 11.78 8.47
N SER A 189 -11.92 10.64 8.93
CA SER A 189 -11.30 9.92 10.02
C SER A 189 -10.23 8.99 9.49
N HIS A 190 -9.73 8.15 10.37
CA HIS A 190 -8.75 7.14 9.98
C HIS A 190 -9.34 6.19 8.97
N PHE A 191 -10.66 6.03 9.01
CA PHE A 191 -11.32 4.96 8.25
C PHE A 191 -12.05 5.43 7.01
N PHE A 192 -12.16 6.74 6.84
CA PHE A 192 -12.80 7.29 5.66
C PHE A 192 -14.22 6.75 5.52
N HIS A 193 -14.92 6.59 6.64
CA HIS A 193 -16.31 6.14 6.61
C HIS A 193 -17.16 7.04 5.71
N GLY A 194 -17.77 6.45 4.69
CA GLY A 194 -18.60 7.20 3.77
C GLY A 194 -17.84 8.18 2.90
N ARG A 195 -16.52 8.08 2.89
CA ARG A 195 -15.70 8.99 2.09
C ARG A 195 -14.84 8.23 1.09
N LEU A 196 -15.17 6.96 0.87
CA LEU A 196 -14.30 6.11 0.03
C LEU A 196 -14.36 6.49 -1.43
N ILE A 197 -15.53 6.94 -1.88
CA ILE A 197 -15.65 7.39 -3.26
C ILE A 197 -14.78 8.62 -3.45
N GLU A 198 -14.86 9.56 -2.52
CA GLU A 198 -14.02 10.74 -2.58
C GLU A 198 -12.53 10.38 -2.47
N LEU A 199 -12.22 9.42 -1.61
CA LEU A 199 -10.84 8.99 -1.48
C LEU A 199 -10.31 8.44 -2.81
N ARG A 200 -11.09 7.59 -3.47
CA ARG A 200 -10.69 7.10 -4.78
C ARG A 200 -10.47 8.26 -5.75
N GLU A 201 -11.40 9.19 -5.75
CA GLU A 201 -11.31 10.32 -6.69
C GLU A 201 -10.06 11.14 -6.40
N LEU A 202 -9.77 11.31 -5.12
CA LEU A 202 -8.61 12.07 -4.69
C LEU A 202 -7.33 11.36 -5.12
N LEU A 203 -7.31 10.03 -4.97
CA LEU A 203 -6.14 9.27 -5.36
C LEU A 203 -5.91 9.43 -6.86
N VAL A 204 -6.96 9.20 -7.64
CA VAL A 204 -6.84 9.26 -9.09
C VAL A 204 -6.37 10.64 -9.54
N ARG A 205 -6.97 11.68 -8.97
CA ARG A 205 -6.63 13.04 -9.35
C ARG A 205 -5.14 13.31 -9.14
N ASN A 206 -4.60 12.76 -8.07
CA ASN A 206 -3.21 13.05 -7.70
C ASN A 206 -2.20 12.08 -8.26
N LEU A 207 -2.69 11.06 -8.96
CA LEU A 207 -1.80 10.03 -9.49
C LEU A 207 -1.90 9.92 -11.01
N ALA A 208 -2.86 10.62 -11.60
CA ALA A 208 -3.08 10.55 -13.04
C ALA A 208 -1.98 11.27 -13.78
#